data_8B0N
#
_entry.id   8B0N
#
_cell.length_a   1.00
_cell.length_b   1.00
_cell.length_c   1.00
_cell.angle_alpha   90.00
_cell.angle_beta   90.00
_cell.angle_gamma   90.00
#
_symmetry.space_group_name_H-M   'P 1'
#
loop_
_entity.id
_entity.type
_entity.pdbx_description
1 polymer 'Apolipoprotein N-acyltransferase'
2 non-polymer '[(2~{S})-1-[2-azanylethoxy(oxidanyl)phosphoryl]oxy-3-oxidanyl-propan-2-yl] (~{Z})-octadec-9-enoate'
#
_entity_poly.entity_id   1
_entity_poly.type   'polypeptide(L)'
_entity_poly.pdbx_seq_one_letter_code
;MGSSHHHHHHSSGLVPRGSHMAFASLIERQRIRLLLALLFGACGTLAFSPYDVWPAAIISLMGLQALTFNRRPLQSAAIG
FCWGFGLFGSGINWVYVSIATFGGMPGPVNIFLVVLLAAYLSLYTGLFAGVLSRLWPKTTWLRVAIAAPALWQVTEFLRG
WVLTGFPWLQFGYSQIDGPLKGLAPIMGVEAINFLLMMVSGLLALALVKRNWRPLVVAVVLFALPFPLRYIQWFTPQPEK
TIQVSMVQGDIPQSLKWDEGQLLNTLKIYYNATAPLMGKSSLIIWPESAITDLEINQQPFLKALDGELRDKGSSLVTGIV
DARLNKQNRYDTYNTIITLGKGAPYSYESADRYNKNHLVPFGEFVPLESILRPLAPFFDLPMSSFSRGPYIQPPLSANGI
ELTAAI(P1L)YEIILGEQVRDNFRPDTDYLLTISNDAWFGKSIGPWQHFQMARMRALELARPLLRSTNNGITAVIGPQG
EIQAMIPQFTREVLTTNVTPTTGLTPYARTGNWPLWVLTALFGFAAVLMSLRQRRK
;
_entity_poly.pdbx_strand_id   A
#
# COMPACT_ATOMS: atom_id res chain seq x y z
N MET A 21 2.84 -25.31 33.03
CA MET A 21 3.67 -26.38 33.55
C MET A 21 5.15 -26.07 33.40
N ALA A 22 5.72 -25.42 34.43
CA ALA A 22 7.13 -25.03 34.45
C ALA A 22 7.47 -24.15 33.24
N PHE A 23 6.81 -22.99 33.20
CA PHE A 23 7.01 -22.07 32.08
C PHE A 23 8.43 -21.52 32.05
N ALA A 24 9.11 -21.49 33.20
CA ALA A 24 10.49 -20.99 33.23
C ALA A 24 11.40 -21.86 32.38
N SER A 25 11.25 -23.17 32.46
CA SER A 25 12.04 -24.09 31.64
C SER A 25 11.38 -24.41 30.31
N LEU A 26 10.06 -24.32 30.23
CA LEU A 26 9.37 -24.59 28.97
C LEU A 26 9.71 -23.54 27.91
N ILE A 27 9.77 -22.27 28.31
CA ILE A 27 10.04 -21.20 27.36
C ILE A 27 11.47 -21.25 26.84
N GLU A 28 12.37 -21.90 27.57
CA GLU A 28 13.77 -21.97 27.12
C GLU A 28 13.91 -22.83 25.88
N ARG A 29 13.01 -23.79 25.67
CA ARG A 29 13.09 -24.66 24.52
C ARG A 29 12.92 -23.86 23.23
N GLN A 30 13.76 -24.17 22.23
CA GLN A 30 13.71 -23.45 20.97
C GLN A 30 12.39 -23.72 20.23
N ARG A 31 11.91 -24.97 20.28
CA ARG A 31 10.67 -25.30 19.58
C ARG A 31 9.49 -24.54 20.15
N ILE A 32 9.47 -24.32 21.45
CA ILE A 32 8.37 -23.56 22.06
C ILE A 32 8.37 -22.12 21.54
N ARG A 33 9.54 -21.51 21.44
CA ARG A 33 9.62 -20.14 20.94
C ARG A 33 9.26 -20.07 19.46
N LEU A 34 9.62 -21.08 18.68
CA LEU A 34 9.22 -21.10 17.27
C LEU A 34 7.70 -21.20 17.13
N LEU A 35 7.06 -22.02 17.96
CA LEU A 35 5.60 -22.11 17.94
C LEU A 35 4.96 -20.81 18.38
N LEU A 36 5.50 -20.18 19.42
CA LEU A 36 4.97 -18.89 19.86
C LEU A 36 5.25 -17.79 18.85
N ALA A 37 6.35 -17.90 18.11
CA ALA A 37 6.65 -16.91 17.08
C ALA A 37 5.59 -16.91 16.00
N LEU A 38 5.11 -18.09 15.62
CA LEU A 38 4.00 -18.17 14.66
C LEU A 38 2.75 -17.51 15.22
N LEU A 39 2.44 -17.76 16.50
CA LEU A 39 1.23 -17.20 17.09
C LEU A 39 1.32 -15.70 17.23
N PHE A 40 2.46 -15.19 17.71
CA PHE A 40 2.63 -13.74 17.82
C PHE A 40 2.71 -13.09 16.45
N GLY A 41 3.35 -13.76 15.49
CA GLY A 41 3.39 -13.23 14.14
C GLY A 41 2.01 -13.14 13.51
N ALA A 42 1.23 -14.21 13.63
CA ALA A 42 -0.12 -14.22 13.09
C ALA A 42 -1.03 -13.25 13.82
N CYS A 43 -0.69 -12.89 15.06
CA CYS A 43 -1.48 -11.90 15.79
C CYS A 43 -1.39 -10.51 15.17
N GLY A 44 -0.31 -10.23 14.44
CA GLY A 44 -0.17 -8.94 13.79
C GLY A 44 -1.15 -8.72 12.64
N THR A 45 -1.66 -9.80 12.05
CA THR A 45 -2.66 -9.67 11.00
C THR A 45 -3.93 -9.02 11.52
N LEU A 46 -4.25 -9.22 12.79
CA LEU A 46 -5.44 -8.61 13.39
C LEU A 46 -5.32 -7.10 13.52
N ALA A 47 -4.13 -6.53 13.32
CA ALA A 47 -3.94 -5.09 13.44
C ALA A 47 -4.43 -4.32 12.23
N PHE A 48 -4.66 -5.00 11.11
CA PHE A 48 -4.90 -4.32 9.84
C PHE A 48 -6.39 -4.19 9.57
N SER A 49 -6.72 -3.72 8.36
CA SER A 49 -8.03 -3.12 8.11
C SER A 49 -9.22 -4.03 8.38
N PRO A 50 -9.25 -5.29 7.92
CA PRO A 50 -10.46 -6.10 8.14
C PRO A 50 -10.78 -6.32 9.61
N TYR A 51 -9.78 -6.22 10.49
CA TYR A 51 -9.97 -6.43 11.93
C TYR A 51 -9.76 -5.16 12.75
N ASP A 52 -8.78 -4.33 12.39
CA ASP A 52 -8.57 -3.02 12.99
C ASP A 52 -8.31 -3.09 14.49
N VAL A 53 -7.64 -4.15 14.95
CA VAL A 53 -7.26 -4.27 16.35
C VAL A 53 -5.82 -3.77 16.43
N TRP A 54 -5.66 -2.45 16.59
CA TRP A 54 -4.33 -1.85 16.60
C TRP A 54 -3.47 -2.27 17.79
N PRO A 55 -4.02 -2.63 18.95
CA PRO A 55 -3.15 -3.20 20.00
C PRO A 55 -2.46 -4.48 19.58
N ALA A 56 -3.01 -5.23 18.63
CA ALA A 56 -2.35 -6.45 18.16
C ALA A 56 -1.03 -6.15 17.48
N ALA A 57 -0.86 -4.94 16.93
CA ALA A 57 0.44 -4.56 16.39
C ALA A 57 1.50 -4.52 17.48
N ILE A 58 1.14 -4.00 18.66
CA ILE A 58 2.09 -3.96 19.76
C ILE A 58 2.33 -5.36 20.31
N ILE A 59 1.27 -6.15 20.46
CA ILE A 59 1.42 -7.51 20.97
C ILE A 59 2.28 -8.35 20.04
N SER A 60 2.05 -8.23 18.73
CA SER A 60 2.84 -8.97 17.75
C SER A 60 4.31 -8.58 17.81
N LEU A 61 4.59 -7.29 17.89
CA LEU A 61 5.96 -6.80 17.94
C LEU A 61 6.61 -7.02 19.31
N MET A 62 5.82 -7.20 20.36
CA MET A 62 6.36 -7.61 21.65
C MET A 62 6.79 -9.07 21.66
N GLY A 63 6.20 -9.91 20.82
CA GLY A 63 6.58 -11.30 20.73
C GLY A 63 7.77 -11.48 19.82
N LEU A 64 7.99 -10.52 18.90
CA LEU A 64 9.17 -10.57 18.05
C LEU A 64 10.44 -10.25 18.84
N GLN A 65 10.34 -9.41 19.86
CA GLN A 65 11.51 -8.99 20.62
C GLN A 65 11.66 -9.72 21.95
N ALA A 66 10.57 -10.21 22.54
CA ALA A 66 10.70 -10.98 23.77
C ALA A 66 11.18 -12.39 23.50
N LEU A 67 10.73 -13.00 22.41
CA LEU A 67 11.13 -14.37 22.10
C LEU A 67 12.56 -14.46 21.62
N THR A 68 13.10 -13.38 21.05
CA THR A 68 14.49 -13.36 20.60
C THR A 68 15.46 -12.99 21.71
N PHE A 69 14.97 -12.70 22.90
CA PHE A 69 15.85 -12.44 24.04
C PHE A 69 16.61 -13.69 24.43
N ASN A 70 17.89 -13.54 24.75
CA ASN A 70 18.74 -14.62 25.24
C ASN A 70 18.75 -15.79 24.26
N ARG A 71 19.03 -15.48 23.00
CA ARG A 71 19.14 -16.48 21.95
C ARG A 71 20.42 -16.26 21.17
N ARG A 72 20.97 -17.35 20.63
CA ARG A 72 22.08 -17.25 19.71
C ARG A 72 21.61 -16.61 18.41
N PRO A 73 22.52 -15.98 17.66
CA PRO A 73 22.09 -15.29 16.42
C PRO A 73 21.36 -16.19 15.45
N LEU A 74 21.78 -17.45 15.31
CA LEU A 74 21.07 -18.36 14.41
C LEU A 74 19.72 -18.76 15.00
N GLN A 75 19.66 -18.98 16.31
CA GLN A 75 18.38 -19.28 16.95
C GLN A 75 17.41 -18.11 16.83
N SER A 76 17.92 -16.88 17.02
CA SER A 76 17.07 -15.71 16.89
C SER A 76 16.62 -15.51 15.45
N ALA A 77 17.47 -15.85 14.49
CA ALA A 77 17.08 -15.75 13.08
C ALA A 77 15.93 -16.69 12.76
N ALA A 78 15.98 -17.91 13.30
CA ALA A 78 14.88 -18.86 13.09
C ALA A 78 13.60 -18.35 13.75
N ILE A 79 13.71 -17.77 14.94
CA ILE A 79 12.54 -17.19 15.60
C ILE A 79 11.98 -16.03 14.80
N GLY A 80 12.86 -15.17 14.28
CA GLY A 80 12.40 -14.08 13.44
C GLY A 80 11.76 -14.58 12.15
N PHE A 81 12.31 -15.64 11.57
CA PHE A 81 11.71 -16.22 10.36
C PHE A 81 10.33 -16.79 10.67
N CYS A 82 10.19 -17.50 11.79
CA CYS A 82 8.88 -18.06 12.14
C CYS A 82 7.89 -16.96 12.47
N TRP A 83 8.34 -15.89 13.13
CA TRP A 83 7.45 -14.76 13.38
C TRP A 83 7.00 -14.13 12.07
N GLY A 84 7.91 -13.96 11.13
CA GLY A 84 7.53 -13.43 9.82
C GLY A 84 6.62 -14.39 9.06
N PHE A 85 6.89 -15.69 9.16
CA PHE A 85 6.05 -16.67 8.48
C PHE A 85 4.64 -16.68 9.06
N GLY A 86 4.51 -16.48 10.37
CA GLY A 86 3.20 -16.38 10.96
C GLY A 86 2.46 -15.13 10.51
N LEU A 87 3.16 -14.00 10.40
CA LEU A 87 2.54 -12.77 9.95
C LEU A 87 2.18 -12.84 8.47
N PHE A 88 3.11 -13.29 7.65
CA PHE A 88 2.88 -13.32 6.21
C PHE A 88 2.09 -14.56 5.78
N GLY A 89 2.16 -15.64 6.55
CA GLY A 89 1.36 -16.81 6.23
C GLY A 89 -0.12 -16.61 6.46
N SER A 90 -0.49 -15.68 7.33
CA SER A 90 -1.88 -15.37 7.59
C SER A 90 -2.30 -13.99 7.08
N GLY A 91 -1.35 -13.12 6.78
CA GLY A 91 -1.67 -11.77 6.35
C GLY A 91 -1.82 -11.62 4.85
N ILE A 92 -0.97 -12.30 4.08
CA ILE A 92 -1.04 -12.22 2.63
C ILE A 92 -1.39 -13.58 2.06
N ASN A 93 -2.16 -14.37 2.81
CA ASN A 93 -2.63 -15.65 2.29
C ASN A 93 -3.60 -15.47 1.12
N TRP A 94 -4.14 -14.26 0.93
CA TRP A 94 -5.01 -13.96 -0.19
C TRP A 94 -4.29 -13.97 -1.52
N VAL A 95 -2.95 -14.00 -1.53
CA VAL A 95 -2.21 -14.10 -2.78
C VAL A 95 -2.53 -15.40 -3.50
N TYR A 96 -2.97 -16.42 -2.75
CA TYR A 96 -3.40 -17.67 -3.37
C TYR A 96 -4.52 -17.43 -4.37
N VAL A 97 -5.44 -16.52 -4.06
CA VAL A 97 -6.53 -16.23 -4.98
C VAL A 97 -6.00 -15.61 -6.27
N SER A 98 -5.07 -14.67 -6.15
CA SER A 98 -4.48 -14.05 -7.34
C SER A 98 -3.69 -15.07 -8.15
N ILE A 99 -2.96 -15.95 -7.48
CA ILE A 99 -2.23 -17.00 -8.19
C ILE A 99 -3.20 -18.01 -8.80
N ALA A 100 -4.31 -18.28 -8.13
CA ALA A 100 -5.29 -19.23 -8.66
C ALA A 100 -5.90 -18.73 -9.97
N THR A 101 -6.16 -17.43 -10.06
CA THR A 101 -6.76 -16.85 -11.26
C THR A 101 -5.73 -16.42 -12.29
N PHE A 102 -4.44 -16.65 -12.04
CA PHE A 102 -3.38 -16.31 -12.99
C PHE A 102 -2.61 -17.57 -13.34
N GLY A 103 -2.55 -17.87 -14.64
CA GLY A 103 -1.78 -19.02 -15.10
C GLY A 103 -2.54 -20.32 -15.07
N GLY A 104 -3.50 -20.44 -14.15
CA GLY A 104 -4.27 -21.67 -14.02
C GLY A 104 -3.46 -22.86 -13.59
N MET A 105 -2.47 -22.64 -12.72
CA MET A 105 -1.64 -23.73 -12.23
C MET A 105 -2.43 -24.60 -11.26
N PRO A 106 -2.01 -25.86 -11.07
CA PRO A 106 -2.74 -26.75 -10.16
C PRO A 106 -2.71 -26.25 -8.72
N GLY A 107 -3.64 -26.77 -7.93
CA GLY A 107 -3.81 -26.36 -6.56
C GLY A 107 -2.59 -26.55 -5.68
N PRO A 108 -1.98 -27.74 -5.73
CA PRO A 108 -0.75 -27.93 -4.95
C PRO A 108 0.37 -26.98 -5.34
N VAL A 109 0.49 -26.64 -6.62
CA VAL A 109 1.53 -25.70 -7.05
C VAL A 109 1.24 -24.30 -6.54
N ASN A 110 -0.04 -23.90 -6.55
CA ASN A 110 -0.40 -22.57 -6.06
C ASN A 110 -0.12 -22.43 -4.56
N ILE A 111 -0.41 -23.50 -3.80
CA ILE A 111 -0.12 -23.46 -2.36
C ILE A 111 1.39 -23.33 -2.12
N PHE A 112 2.19 -23.99 -2.96
CA PHE A 112 3.64 -23.92 -2.81
C PHE A 112 4.15 -22.49 -3.01
N LEU A 113 3.60 -21.77 -3.99
CA LEU A 113 4.06 -20.42 -4.26
C LEU A 113 3.72 -19.46 -3.13
N VAL A 114 2.53 -19.62 -2.52
CA VAL A 114 2.15 -18.78 -1.39
C VAL A 114 3.08 -19.04 -0.20
N VAL A 115 3.39 -20.31 0.05
CA VAL A 115 4.35 -20.63 1.10
C VAL A 115 5.72 -20.07 0.75
N LEU A 116 6.12 -20.19 -0.52
CA LEU A 116 7.39 -19.64 -0.96
C LEU A 116 7.44 -18.13 -0.82
N LEU A 117 6.34 -17.45 -1.16
CA LEU A 117 6.30 -16.00 -0.99
C LEU A 117 6.35 -15.61 0.49
N ALA A 118 5.61 -16.30 1.34
CA ALA A 118 5.65 -16.03 2.77
C ALA A 118 7.02 -16.34 3.34
N ALA A 119 7.64 -17.44 2.89
CA ALA A 119 8.97 -17.77 3.35
C ALA A 119 10.00 -16.73 2.91
N TYR A 120 9.87 -16.23 1.68
CA TYR A 120 10.80 -15.21 1.20
C TYR A 120 10.68 -13.93 2.01
N LEU A 121 9.44 -13.48 2.26
CA LEU A 121 9.24 -12.26 3.02
C LEU A 121 9.68 -12.42 4.47
N SER A 122 9.65 -13.64 4.99
CA SER A 122 10.08 -13.90 6.36
C SER A 122 11.60 -13.90 6.52
N LEU A 123 12.35 -13.92 5.42
CA LEU A 123 13.80 -13.83 5.51
C LEU A 123 14.22 -12.49 6.10
N TYR A 124 13.55 -11.41 5.72
CA TYR A 124 13.91 -10.09 6.22
C TYR A 124 13.63 -9.97 7.72
N THR A 125 12.51 -10.54 8.17
CA THR A 125 12.27 -10.60 9.62
C THR A 125 13.25 -11.54 10.30
N GLY A 126 13.61 -12.64 9.63
CA GLY A 126 14.66 -13.48 10.14
C GLY A 126 16.02 -12.81 10.10
N LEU A 127 16.28 -12.03 9.06
CA LEU A 127 17.52 -11.26 9.00
C LEU A 127 17.56 -10.21 10.09
N PHE A 128 16.43 -9.54 10.36
CA PHE A 128 16.38 -8.54 11.41
C PHE A 128 16.70 -9.15 12.77
N ALA A 129 16.06 -10.26 13.09
CA ALA A 129 16.26 -10.87 14.41
C ALA A 129 17.65 -11.48 14.53
N GLY A 130 18.19 -12.01 13.44
CA GLY A 130 19.55 -12.55 13.50
C GLY A 130 20.60 -11.48 13.72
N VAL A 131 20.49 -10.36 13.01
CA VAL A 131 21.46 -9.28 13.17
C VAL A 131 21.26 -8.60 14.53
N LEU A 132 20.02 -8.44 14.97
CA LEU A 132 19.76 -7.79 16.25
C LEU A 132 20.39 -8.56 17.40
N SER A 133 20.28 -9.89 17.39
CA SER A 133 20.88 -10.69 18.44
C SER A 133 22.38 -10.90 18.24
N ARG A 134 22.89 -10.70 17.03
CA ARG A 134 24.32 -10.84 16.80
C ARG A 134 25.10 -9.66 17.36
N LEU A 135 24.59 -8.44 17.16
CA LEU A 135 25.31 -7.25 17.58
C LEU A 135 24.91 -6.77 18.96
N TRP A 136 23.70 -7.07 19.41
CA TRP A 136 23.20 -6.65 20.73
C TRP A 136 22.60 -7.86 21.43
N PRO A 137 23.43 -8.81 21.88
CA PRO A 137 22.89 -9.99 22.56
C PRO A 137 22.17 -9.68 23.85
N LYS A 138 22.63 -8.69 24.61
CA LYS A 138 22.07 -8.41 25.92
C LYS A 138 20.67 -7.83 25.80
N THR A 139 19.79 -8.22 26.73
CA THR A 139 18.43 -7.71 26.77
C THR A 139 18.43 -6.38 27.54
N THR A 140 18.85 -5.33 26.83
CA THR A 140 18.96 -3.99 27.40
C THR A 140 18.03 -3.04 26.64
N TRP A 141 17.97 -1.80 27.14
CA TRP A 141 17.14 -0.79 26.48
C TRP A 141 17.74 -0.37 25.14
N LEU A 142 19.06 -0.47 25.00
CA LEU A 142 19.70 -0.15 23.73
C LEU A 142 19.25 -1.10 22.63
N ARG A 143 19.14 -2.39 22.95
CA ARG A 143 18.75 -3.38 21.96
C ARG A 143 17.32 -3.16 21.47
N VAL A 144 16.40 -2.80 22.36
CA VAL A 144 14.98 -2.80 22.05
C VAL A 144 14.50 -1.42 21.61
N ALA A 145 15.11 -0.37 22.14
CA ALA A 145 14.64 0.98 21.88
C ALA A 145 15.49 1.76 20.89
N ILE A 146 16.76 1.40 20.72
CA ILE A 146 17.67 2.10 19.84
C ILE A 146 18.09 1.22 18.66
N ALA A 147 18.57 0.02 18.93
CA ALA A 147 19.04 -0.86 17.86
C ALA A 147 17.88 -1.42 17.06
N ALA A 148 16.84 -1.89 17.74
CA ALA A 148 15.73 -2.54 17.04
C ALA A 148 14.98 -1.60 16.09
N PRO A 149 14.58 -0.38 16.49
CA PRO A 149 13.89 0.48 15.52
C PRO A 149 14.74 0.83 14.31
N ALA A 150 16.05 1.04 14.51
CA ALA A 150 16.92 1.36 13.39
C ALA A 150 17.13 0.15 12.47
N LEU A 151 17.29 -1.03 13.05
CA LEU A 151 17.46 -2.23 12.24
C LEU A 151 16.15 -2.66 11.59
N TRP A 152 15.03 -2.43 12.27
CA TRP A 152 13.73 -2.73 11.67
C TRP A 152 13.48 -1.83 10.46
N GLN A 153 13.92 -0.57 10.54
CA GLN A 153 13.77 0.34 9.40
C GLN A 153 14.57 -0.15 8.20
N VAL A 154 15.79 -0.65 8.42
CA VAL A 154 16.63 -1.09 7.33
C VAL A 154 16.06 -2.35 6.69
N THR A 155 15.67 -3.33 7.50
CA THR A 155 15.18 -4.60 6.96
C THR A 155 13.82 -4.45 6.31
N GLU A 156 12.95 -3.59 6.86
CA GLU A 156 11.68 -3.32 6.20
C GLU A 156 11.88 -2.57 4.89
N PHE A 157 12.88 -1.68 4.83
CA PHE A 157 13.21 -1.05 3.56
C PHE A 157 13.68 -2.07 2.54
N LEU A 158 14.52 -3.02 2.97
CA LEU A 158 15.00 -4.04 2.04
C LEU A 158 13.86 -4.91 1.53
N ARG A 159 12.90 -5.24 2.40
CA ARG A 159 11.76 -6.04 1.97
C ARG A 159 10.95 -5.32 0.90
N GLY A 160 10.81 -4.00 1.04
CA GLY A 160 10.11 -3.19 0.07
C GLY A 160 10.95 -2.64 -1.06
N TRP A 161 12.21 -3.07 -1.19
CA TRP A 161 13.08 -2.55 -2.23
C TRP A 161 13.69 -3.67 -3.06
N VAL A 162 14.02 -4.80 -2.42
CA VAL A 162 14.67 -5.89 -3.13
C VAL A 162 13.68 -6.60 -4.03
N LEU A 163 14.07 -6.83 -5.29
CA LEU A 163 13.24 -7.53 -6.27
C LEU A 163 11.90 -6.83 -6.45
N THR A 164 11.97 -5.52 -6.76
CA THR A 164 10.81 -4.66 -6.98
C THR A 164 10.04 -4.43 -5.68
N GLY A 165 10.45 -5.12 -4.61
CA GLY A 165 9.88 -4.92 -3.29
C GLY A 165 8.45 -5.40 -3.12
N PHE A 166 8.05 -5.55 -1.86
CA PHE A 166 6.68 -5.87 -1.49
C PHE A 166 6.43 -5.42 -0.05
N PRO A 167 6.30 -4.11 0.19
CA PRO A 167 6.20 -3.59 1.57
C PRO A 167 4.80 -3.73 2.15
N TRP A 168 4.32 -4.97 2.21
CA TRP A 168 3.00 -5.25 2.73
C TRP A 168 3.08 -5.58 4.22
N LEU A 169 1.98 -5.32 4.93
CA LEU A 169 1.85 -5.66 6.35
C LEU A 169 2.86 -4.91 7.21
N GLN A 170 2.95 -3.59 7.00
CA GLN A 170 3.72 -2.72 7.87
C GLN A 170 2.80 -2.18 8.95
N PHE A 171 3.22 -2.32 10.21
CA PHE A 171 2.34 -2.03 11.34
C PHE A 171 2.00 -0.56 11.47
N GLY A 172 2.71 0.34 10.77
CA GLY A 172 2.35 1.74 10.80
C GLY A 172 0.97 2.02 10.22
N TYR A 173 0.56 1.24 9.22
CA TYR A 173 -0.77 1.41 8.64
C TYR A 173 -1.87 0.99 9.60
N SER A 174 -1.56 0.19 10.62
CA SER A 174 -2.54 -0.16 11.62
C SER A 174 -2.94 1.02 12.49
N GLN A 175 -2.12 2.06 12.53
CA GLN A 175 -2.39 3.25 13.33
C GLN A 175 -3.09 4.35 12.55
N ILE A 176 -3.85 3.98 11.52
CA ILE A 176 -4.60 4.99 10.76
C ILE A 176 -5.65 5.66 11.63
N ASP A 177 -6.25 4.91 12.56
CA ASP A 177 -7.20 5.47 13.52
C ASP A 177 -6.68 5.43 14.94
N GLY A 178 -5.46 4.96 15.17
CA GLY A 178 -4.93 4.81 16.50
C GLY A 178 -4.35 6.11 17.02
N PRO A 179 -3.78 6.03 18.23
CA PRO A 179 -3.21 7.24 18.86
C PRO A 179 -2.02 7.81 18.12
N LEU A 180 -1.35 7.03 17.27
CA LEU A 180 -0.15 7.47 16.60
C LEU A 180 -0.41 7.98 15.18
N LYS A 181 -1.67 8.20 14.82
CA LYS A 181 -1.97 8.69 13.48
C LYS A 181 -1.41 10.09 13.24
N GLY A 182 -1.24 10.88 14.31
CA GLY A 182 -0.72 12.23 14.15
C GLY A 182 0.73 12.28 13.73
N LEU A 183 1.47 11.20 13.92
CA LEU A 183 2.87 11.15 13.51
C LEU A 183 3.03 10.96 12.02
N ALA A 184 2.01 10.43 11.33
CA ALA A 184 2.11 10.21 9.89
C ALA A 184 2.27 11.50 9.08
N PRO A 185 1.48 12.56 9.31
CA PRO A 185 1.69 13.79 8.52
C PRO A 185 3.05 14.44 8.75
N ILE A 186 3.71 14.14 9.87
CA ILE A 186 4.96 14.81 10.20
C ILE A 186 6.16 14.06 9.65
N MET A 187 6.24 12.74 9.85
CA MET A 187 7.40 11.98 9.44
C MET A 187 7.07 10.77 8.58
N GLY A 188 5.79 10.46 8.36
CA GLY A 188 5.41 9.37 7.49
C GLY A 188 4.98 8.13 8.26
N VAL A 189 4.45 7.17 7.50
CA VAL A 189 4.02 5.90 8.09
C VAL A 189 5.21 5.10 8.61
N GLU A 190 6.35 5.18 7.93
CA GLU A 190 7.54 4.46 8.39
C GLU A 190 8.03 4.95 9.75
N ALA A 191 7.69 6.19 10.12
CA ALA A 191 7.99 6.65 11.47
C ALA A 191 7.11 5.96 12.50
N ILE A 192 5.86 5.65 12.14
CA ILE A 192 5.00 4.87 13.03
C ILE A 192 5.55 3.46 13.18
N ASN A 193 6.12 2.90 12.11
CA ASN A 193 6.84 1.64 12.24
C ASN A 193 8.01 1.78 13.20
N PHE A 194 8.74 2.91 13.11
CA PHE A 194 9.88 3.16 13.98
C PHE A 194 9.44 3.25 15.44
N LEU A 195 8.34 3.96 15.70
CA LEU A 195 7.89 4.16 17.08
C LEU A 195 7.22 2.91 17.65
N LEU A 196 6.46 2.18 16.82
CA LEU A 196 5.83 0.95 17.29
C LEU A 196 6.86 -0.09 17.69
N MET A 197 7.94 -0.20 16.92
CA MET A 197 9.01 -1.13 17.28
C MET A 197 9.72 -0.68 18.55
N MET A 198 9.89 0.62 18.73
CA MET A 198 10.53 1.14 19.94
C MET A 198 9.65 0.90 21.17
N VAL A 199 8.35 1.22 21.06
CA VAL A 199 7.45 1.05 22.19
C VAL A 199 7.29 -0.43 22.54
N SER A 200 7.14 -1.28 21.52
CA SER A 200 6.95 -2.71 21.77
C SER A 200 8.18 -3.32 22.43
N GLY A 201 9.37 -2.90 22.02
CA GLY A 201 10.57 -3.40 22.66
C GLY A 201 10.67 -3.03 24.12
N LEU A 202 10.32 -1.79 24.45
CA LEU A 202 10.33 -1.36 25.85
C LEU A 202 9.32 -2.13 26.68
N LEU A 203 8.13 -2.38 26.12
CA LEU A 203 7.15 -3.19 26.82
C LEU A 203 7.64 -4.64 26.98
N ALA A 204 8.30 -5.18 25.95
CA ALA A 204 8.88 -6.51 26.08
C ALA A 204 10.01 -6.52 27.09
N LEU A 205 10.83 -5.46 27.12
CA LEU A 205 11.88 -5.36 28.12
C LEU A 205 11.30 -5.24 29.52
N ALA A 206 10.23 -4.45 29.67
CA ALA A 206 9.59 -4.30 30.96
C ALA A 206 8.89 -5.57 31.42
N LEU A 207 8.60 -6.50 30.51
CA LEU A 207 7.90 -7.72 30.85
C LEU A 207 8.87 -8.87 31.13
N VAL A 208 9.85 -9.07 30.24
CA VAL A 208 10.83 -10.14 30.44
C VAL A 208 11.65 -9.85 31.70
N LYS A 209 12.11 -8.63 31.85
CA LYS A 209 12.75 -8.16 33.08
C LYS A 209 11.74 -7.32 33.84
N ARG A 210 11.38 -7.76 35.03
CA ARG A 210 10.33 -7.07 35.80
C ARG A 210 10.87 -5.72 36.22
N ASN A 211 10.52 -4.68 35.47
CA ASN A 211 11.05 -3.35 35.70
C ASN A 211 10.10 -2.35 35.06
N TRP A 212 9.50 -1.48 35.87
CA TRP A 212 8.55 -0.50 35.38
C TRP A 212 9.20 0.67 34.66
N ARG A 213 10.52 0.86 34.80
CA ARG A 213 11.17 1.99 34.16
C ARG A 213 11.05 1.95 32.64
N PRO A 214 11.35 0.85 31.94
CA PRO A 214 11.04 0.82 30.50
C PRO A 214 9.55 0.86 30.21
N LEU A 215 8.71 0.42 31.15
CA LEU A 215 7.26 0.50 30.94
C LEU A 215 6.80 1.95 30.90
N VAL A 216 7.31 2.78 31.81
CA VAL A 216 6.93 4.20 31.82
C VAL A 216 7.42 4.89 30.56
N VAL A 217 8.63 4.59 30.12
CA VAL A 217 9.18 5.21 28.91
C VAL A 217 8.33 4.84 27.69
N ALA A 218 7.91 3.58 27.61
CA ALA A 218 7.08 3.15 26.49
C ALA A 218 5.74 3.88 26.48
N VAL A 219 5.12 4.02 27.66
CA VAL A 219 3.82 4.71 27.73
C VAL A 219 3.98 6.19 27.40
N VAL A 220 5.04 6.81 27.92
CA VAL A 220 5.28 8.22 27.61
C VAL A 220 5.57 8.41 26.13
N LEU A 221 6.41 7.57 25.56
CA LEU A 221 6.70 7.66 24.13
C LEU A 221 5.47 7.38 23.28
N PHE A 222 4.55 6.56 23.78
CA PHE A 222 3.34 6.28 23.03
C PHE A 222 2.32 7.41 23.15
N ALA A 223 2.27 8.06 24.32
CA ALA A 223 1.29 9.12 24.55
C ALA A 223 1.76 10.49 24.06
N LEU A 224 3.05 10.66 23.80
CA LEU A 224 3.54 11.95 23.30
C LEU A 224 2.98 12.32 21.93
N PRO A 225 2.91 11.42 20.94
CA PRO A 225 2.35 11.81 19.63
C PRO A 225 0.84 11.90 19.60
N PHE A 226 0.15 11.65 20.71
CA PHE A 226 -1.31 11.73 20.69
C PHE A 226 -1.83 13.13 20.38
N PRO A 227 -1.31 14.21 21.00
CA PRO A 227 -1.80 15.54 20.62
C PRO A 227 -1.54 15.91 19.16
N LEU A 228 -0.59 15.25 18.51
CA LEU A 228 -0.28 15.55 17.11
C LEU A 228 -1.45 15.22 16.18
N ARG A 229 -2.39 14.38 16.61
CA ARG A 229 -3.51 14.02 15.77
C ARG A 229 -4.53 15.14 15.65
N TYR A 230 -4.45 16.17 16.50
CA TYR A 230 -5.35 17.31 16.44
C TYR A 230 -4.80 18.46 15.61
N ILE A 231 -3.63 18.30 15.00
CA ILE A 231 -3.02 19.35 14.19
C ILE A 231 -3.48 19.17 12.75
N GLN A 232 -4.09 20.21 12.18
CA GLN A 232 -4.52 20.21 10.79
C GLN A 232 -3.44 20.90 9.96
N TRP A 233 -2.70 20.11 9.19
CA TRP A 233 -1.70 20.64 8.28
C TRP A 233 -2.30 21.02 6.93
N PHE A 234 -3.60 21.23 6.86
CA PHE A 234 -4.30 21.54 5.62
C PHE A 234 -5.36 22.59 5.89
N THR A 235 -5.80 23.23 4.81
CA THR A 235 -6.89 24.19 4.87
C THR A 235 -7.97 23.78 3.88
N PRO A 236 -9.19 23.53 4.30
CA PRO A 236 -10.25 23.20 3.35
C PRO A 236 -10.60 24.38 2.47
N GLN A 237 -11.09 24.08 1.27
CA GLN A 237 -11.42 25.09 0.27
C GLN A 237 -12.87 24.89 -0.16
N PRO A 238 -13.82 25.41 0.63
CA PRO A 238 -15.24 25.22 0.29
C PRO A 238 -15.62 25.80 -1.06
N GLU A 239 -14.94 26.86 -1.51
CA GLU A 239 -15.27 27.47 -2.80
C GLU A 239 -14.99 26.55 -3.98
N LYS A 240 -14.10 25.58 -3.81
CA LYS A 240 -13.73 24.65 -4.87
C LYS A 240 -14.38 23.28 -4.69
N THR A 241 -15.39 23.18 -3.82
CA THR A 241 -16.06 21.90 -3.60
C THR A 241 -16.80 21.47 -4.87
N ILE A 242 -16.66 20.20 -5.22
CA ILE A 242 -17.28 19.62 -6.40
C ILE A 242 -18.05 18.37 -5.99
N GLN A 243 -18.80 17.84 -6.94
CA GLN A 243 -19.48 16.55 -6.80
C GLN A 243 -18.73 15.54 -7.65
N VAL A 244 -18.12 14.55 -7.00
CA VAL A 244 -17.34 13.52 -7.68
C VAL A 244 -18.14 12.24 -7.69
N SER A 245 -18.16 11.56 -8.84
CA SER A 245 -18.86 10.29 -9.00
C SER A 245 -17.86 9.24 -9.47
N MET A 246 -17.78 8.14 -8.74
CA MET A 246 -16.92 7.03 -9.10
C MET A 246 -17.80 5.82 -9.41
N VAL A 247 -17.65 5.28 -10.61
CA VAL A 247 -18.50 4.19 -11.10
C VAL A 247 -17.83 2.88 -10.77
N GLN A 248 -18.43 2.10 -9.87
CA GLN A 248 -17.96 0.76 -9.55
C GLN A 248 -18.64 -0.20 -10.52
N GLY A 249 -17.95 -0.49 -11.62
CA GLY A 249 -18.57 -1.26 -12.68
C GLY A 249 -18.89 -2.69 -12.30
N ASP A 250 -18.07 -3.30 -11.45
CA ASP A 250 -18.25 -4.69 -11.02
C ASP A 250 -18.26 -5.63 -12.22
N ILE A 251 -17.15 -5.62 -12.95
CA ILE A 251 -16.97 -6.51 -14.10
C ILE A 251 -16.26 -7.77 -13.63
N PRO A 252 -16.81 -8.95 -13.88
CA PRO A 252 -16.16 -10.18 -13.42
C PRO A 252 -14.77 -10.34 -14.03
N GLN A 253 -13.84 -10.81 -13.22
CA GLN A 253 -12.45 -10.90 -13.65
C GLN A 253 -12.27 -11.92 -14.77
N SER A 254 -12.99 -13.04 -14.69
CA SER A 254 -12.90 -14.06 -15.74
C SER A 254 -13.36 -13.52 -17.08
N LEU A 255 -14.45 -12.75 -17.08
CA LEU A 255 -15.01 -12.20 -18.31
C LEU A 255 -14.52 -10.79 -18.62
N LYS A 256 -13.62 -10.24 -17.81
CA LYS A 256 -13.20 -8.86 -18.02
C LYS A 256 -12.47 -8.68 -19.34
N TRP A 257 -11.61 -9.64 -19.71
CA TRP A 257 -10.82 -9.57 -20.93
C TRP A 257 -11.42 -10.56 -21.93
N ASP A 258 -12.42 -10.11 -22.67
CA ASP A 258 -13.06 -10.90 -23.71
C ASP A 258 -13.56 -9.98 -24.80
N GLU A 259 -13.60 -10.50 -26.03
CA GLU A 259 -14.09 -9.71 -27.16
C GLU A 259 -15.57 -9.38 -26.99
N GLY A 260 -16.38 -10.36 -26.56
CA GLY A 260 -17.80 -10.12 -26.41
C GLY A 260 -18.11 -9.14 -25.28
N GLN A 261 -17.36 -9.21 -24.18
CA GLN A 261 -17.61 -8.35 -23.04
C GLN A 261 -17.15 -6.91 -23.27
N LEU A 262 -16.37 -6.67 -24.33
CA LEU A 262 -15.87 -5.31 -24.57
C LEU A 262 -17.02 -4.34 -24.79
N LEU A 263 -18.01 -4.73 -25.59
CA LEU A 263 -19.18 -3.87 -25.78
C LEU A 263 -19.99 -3.76 -24.50
N ASN A 264 -20.16 -4.87 -23.78
CA ASN A 264 -20.92 -4.83 -22.54
C ASN A 264 -20.23 -3.97 -21.48
N THR A 265 -18.90 -4.07 -21.39
CA THR A 265 -18.18 -3.26 -20.41
C THR A 265 -18.32 -1.77 -20.70
N LEU A 266 -18.16 -1.39 -21.97
CA LEU A 266 -18.34 0.02 -22.33
C LEU A 266 -19.78 0.46 -22.13
N LYS A 267 -20.74 -0.40 -22.45
CA LYS A 267 -22.14 -0.05 -22.27
C LYS A 267 -22.49 0.16 -20.82
N ILE A 268 -21.97 -0.69 -19.92
CA ILE A 268 -22.27 -0.58 -18.51
C ILE A 268 -21.74 0.74 -17.95
N TYR A 269 -20.48 1.06 -18.26
CA TYR A 269 -19.90 2.29 -17.74
C TYR A 269 -20.55 3.53 -18.34
N TYR A 270 -20.84 3.51 -19.65
CA TYR A 270 -21.47 4.66 -20.28
C TYR A 270 -22.87 4.91 -19.74
N ASN A 271 -23.66 3.84 -19.56
CA ASN A 271 -25.02 4.00 -19.07
C ASN A 271 -25.05 4.54 -17.65
N ALA A 272 -24.09 4.14 -16.81
CA ALA A 272 -24.00 4.67 -15.45
C ALA A 272 -23.41 6.06 -15.41
N THR A 273 -22.83 6.53 -16.51
CA THR A 273 -22.18 7.85 -16.54
C THR A 273 -23.06 8.93 -17.16
N ALA A 274 -23.96 8.56 -18.07
CA ALA A 274 -24.79 9.57 -18.74
C ALA A 274 -25.63 10.39 -17.75
N PRO A 275 -26.33 9.80 -16.77
CA PRO A 275 -27.02 10.65 -15.79
C PRO A 275 -26.07 11.51 -14.97
N LEU A 276 -24.82 11.07 -14.79
CA LEU A 276 -23.89 11.81 -13.95
C LEU A 276 -23.37 13.08 -14.63
N MET A 277 -23.37 13.10 -15.97
CA MET A 277 -22.87 14.25 -16.69
C MET A 277 -23.67 15.51 -16.36
N GLY A 278 -22.97 16.58 -16.08
CA GLY A 278 -23.59 17.82 -15.63
C GLY A 278 -23.75 17.92 -14.13
N LYS A 279 -24.30 16.87 -13.51
CA LYS A 279 -24.43 16.85 -12.06
C LYS A 279 -23.07 16.69 -11.38
N SER A 280 -22.22 15.84 -11.92
CA SER A 280 -20.91 15.56 -11.33
C SER A 280 -19.84 16.28 -12.14
N SER A 281 -19.04 17.09 -11.44
CA SER A 281 -17.93 17.78 -12.11
C SER A 281 -16.85 16.78 -12.52
N LEU A 282 -16.57 15.79 -11.68
CA LEU A 282 -15.54 14.80 -11.93
C LEU A 282 -16.14 13.42 -11.88
N ILE A 283 -15.86 12.60 -12.90
CA ILE A 283 -16.32 11.23 -12.98
C ILE A 283 -15.09 10.33 -13.12
N ILE A 284 -15.02 9.27 -12.33
CA ILE A 284 -13.84 8.42 -12.25
C ILE A 284 -14.26 6.98 -12.55
N TRP A 285 -13.49 6.32 -13.42
CA TRP A 285 -13.67 4.91 -13.74
C TRP A 285 -12.48 4.10 -13.22
N PRO A 286 -12.68 2.83 -12.89
CA PRO A 286 -11.61 2.04 -12.26
C PRO A 286 -10.43 1.76 -13.17
N GLU A 287 -9.44 1.04 -12.64
CA GLU A 287 -8.27 0.69 -13.43
C GLU A 287 -8.66 -0.21 -14.60
N SER A 288 -8.17 0.14 -15.79
CA SER A 288 -8.43 -0.61 -17.01
C SER A 288 -9.93 -0.81 -17.22
N ALA A 289 -10.70 0.25 -16.97
CA ALA A 289 -12.14 0.18 -17.19
C ALA A 289 -12.45 -0.08 -18.66
N ILE A 290 -11.72 0.55 -19.56
CA ILE A 290 -11.82 0.29 -20.98
C ILE A 290 -10.74 -0.74 -21.32
N THR A 291 -11.16 -2.00 -21.41
CA THR A 291 -10.19 -3.09 -21.56
C THR A 291 -9.50 -3.08 -22.93
N ASP A 292 -10.10 -2.45 -23.92
CA ASP A 292 -9.48 -2.40 -25.24
C ASP A 292 -8.31 -1.42 -25.24
N LEU A 293 -7.50 -1.49 -26.30
CA LEU A 293 -6.41 -0.56 -26.47
C LEU A 293 -6.94 0.85 -26.73
N GLU A 294 -6.16 1.84 -26.31
CA GLU A 294 -6.59 3.23 -26.45
C GLU A 294 -6.73 3.62 -27.92
N ILE A 295 -5.80 3.16 -28.76
CA ILE A 295 -5.89 3.49 -30.18
C ILE A 295 -7.09 2.81 -30.83
N ASN A 296 -7.52 1.66 -30.30
CA ASN A 296 -8.65 0.94 -30.85
C ASN A 296 -10.00 1.54 -30.46
N GLN A 297 -10.03 2.49 -29.53
CA GLN A 297 -11.28 3.07 -29.04
C GLN A 297 -11.34 4.57 -29.28
N GLN A 298 -10.69 5.05 -30.34
CA GLN A 298 -10.69 6.48 -30.63
C GLN A 298 -12.09 7.02 -30.94
N PRO A 299 -12.91 6.40 -31.81
CA PRO A 299 -14.26 6.96 -32.02
C PRO A 299 -15.11 6.98 -30.77
N PHE A 300 -14.96 5.98 -29.90
CA PHE A 300 -15.72 5.97 -28.65
C PHE A 300 -15.25 7.08 -27.71
N LEU A 301 -13.92 7.24 -27.57
CA LEU A 301 -13.40 8.24 -26.65
C LEU A 301 -13.67 9.65 -27.15
N LYS A 302 -13.56 9.88 -28.46
CA LYS A 302 -13.82 11.21 -28.99
C LYS A 302 -15.28 11.61 -28.82
N ALA A 303 -16.21 10.69 -29.09
CA ALA A 303 -17.62 10.98 -28.85
C ALA A 303 -17.91 11.18 -27.37
N LEU A 304 -17.31 10.35 -26.52
CA LEU A 304 -17.48 10.52 -25.08
C LEU A 304 -16.89 11.83 -24.61
N ASP A 305 -15.72 12.20 -25.13
CA ASP A 305 -15.11 13.47 -24.75
C ASP A 305 -15.97 14.66 -25.15
N GLY A 306 -16.57 14.61 -26.35
CA GLY A 306 -17.42 15.70 -26.78
C GLY A 306 -18.69 15.83 -25.96
N GLU A 307 -19.30 14.71 -25.61
CA GLU A 307 -20.53 14.75 -24.81
C GLU A 307 -20.28 15.30 -23.42
N LEU A 308 -19.14 14.96 -22.83
CA LEU A 308 -18.82 15.43 -21.48
C LEU A 308 -18.63 16.95 -21.47
N ARG A 309 -18.00 17.51 -22.50
CA ARG A 309 -17.78 18.94 -22.55
C ARG A 309 -19.09 19.72 -22.65
N ASP A 310 -20.09 19.15 -23.32
CA ASP A 310 -21.37 19.84 -23.48
C ASP A 310 -22.05 20.08 -22.14
N LYS A 311 -22.00 19.09 -21.25
CA LYS A 311 -22.64 19.19 -19.94
C LYS A 311 -21.66 19.65 -18.86
N GLY A 312 -20.43 20.00 -19.23
CA GLY A 312 -19.47 20.49 -18.26
C GLY A 312 -19.02 19.47 -17.23
N SER A 313 -18.71 18.26 -17.67
CA SER A 313 -18.22 17.20 -16.80
C SER A 313 -16.91 16.66 -17.36
N SER A 314 -16.05 16.17 -16.47
CA SER A 314 -14.76 15.62 -16.84
C SER A 314 -14.67 14.18 -16.35
N LEU A 315 -14.14 13.30 -17.20
CA LEU A 315 -14.03 11.89 -16.90
C LEU A 315 -12.56 11.51 -16.79
N VAL A 316 -12.21 10.78 -15.73
CA VAL A 316 -10.88 10.22 -15.54
C VAL A 316 -11.05 8.71 -15.49
N THR A 317 -10.52 8.02 -16.49
CA THR A 317 -10.72 6.58 -16.62
C THR A 317 -9.41 5.88 -16.88
N GLY A 318 -9.34 4.61 -16.45
CA GLY A 318 -8.20 3.78 -16.75
C GLY A 318 -8.40 3.04 -18.07
N ILE A 319 -7.29 2.75 -18.73
CA ILE A 319 -7.32 2.12 -20.05
C ILE A 319 -5.93 1.57 -20.33
N VAL A 320 -5.88 0.54 -21.17
CA VAL A 320 -4.61 -0.03 -21.61
C VAL A 320 -4.22 0.65 -22.92
N ASP A 321 -3.00 1.16 -22.97
CA ASP A 321 -2.49 1.86 -24.14
C ASP A 321 -1.19 1.22 -24.59
N ALA A 322 -1.13 0.82 -25.85
CA ALA A 322 0.08 0.27 -26.47
C ALA A 322 0.59 1.33 -27.43
N ARG A 323 1.39 2.25 -26.92
CA ARG A 323 1.87 3.38 -27.70
C ARG A 323 3.09 2.98 -28.53
N LEU A 324 3.03 3.27 -29.83
CA LEU A 324 4.14 2.95 -30.72
C LEU A 324 5.34 3.83 -30.39
N ASN A 325 6.48 3.20 -30.12
CA ASN A 325 7.68 3.92 -29.75
C ASN A 325 8.35 4.48 -31.01
N LYS A 326 9.48 5.18 -30.80
CA LYS A 326 10.20 5.76 -31.92
C LYS A 326 10.76 4.70 -32.86
N GLN A 327 11.29 3.61 -32.30
CA GLN A 327 11.94 2.58 -33.09
C GLN A 327 10.97 1.46 -33.48
N ASN A 328 9.81 1.85 -34.01
CA ASN A 328 8.83 0.91 -34.57
C ASN A 328 8.50 -0.21 -33.58
N ARG A 329 8.32 0.15 -32.32
CA ARG A 329 8.06 -0.82 -31.26
C ARG A 329 6.89 -0.33 -30.42
N TYR A 330 6.16 -1.29 -29.85
CA TYR A 330 5.01 -0.99 -29.00
C TYR A 330 5.38 -1.16 -27.54
N ASP A 331 5.14 -0.11 -26.74
CA ASP A 331 5.31 -0.16 -25.30
C ASP A 331 3.93 -0.09 -24.67
N THR A 332 3.50 -1.19 -24.07
CA THR A 332 2.18 -1.25 -23.46
C THR A 332 2.23 -0.65 -22.06
N TYR A 333 1.34 0.29 -21.80
CA TYR A 333 1.27 0.97 -20.51
C TYR A 333 -0.11 0.79 -19.89
N ASN A 334 -0.15 0.69 -18.57
CA ASN A 334 -1.39 0.77 -17.81
C ASN A 334 -1.61 2.24 -17.51
N THR A 335 -2.52 2.88 -18.24
CA THR A 335 -2.63 4.32 -18.22
C THR A 335 -3.96 4.78 -17.64
N ILE A 336 -3.99 6.05 -17.24
CA ILE A 336 -5.20 6.77 -16.89
C ILE A 336 -5.32 7.94 -17.85
N ILE A 337 -6.43 8.01 -18.57
CA ILE A 337 -6.66 9.10 -19.51
C ILE A 337 -7.78 9.97 -18.98
N THR A 338 -7.79 11.23 -19.42
CA THR A 338 -8.76 12.22 -18.98
C THR A 338 -9.50 12.79 -20.17
N LEU A 339 -10.81 12.97 -20.01
CA LEU A 339 -11.68 13.47 -21.06
C LEU A 339 -12.59 14.54 -20.50
N GLY A 340 -13.28 15.24 -21.39
CA GLY A 340 -14.32 16.17 -20.98
C GLY A 340 -13.81 17.58 -20.75
N LYS A 341 -14.59 18.32 -19.96
CA LYS A 341 -14.29 19.71 -19.68
C LYS A 341 -12.99 19.84 -18.90
N GLY A 342 -12.16 20.80 -19.28
CA GLY A 342 -10.90 21.03 -18.61
C GLY A 342 -9.79 20.09 -19.03
N ALA A 343 -10.05 19.17 -19.94
CA ALA A 343 -9.06 18.22 -20.41
C ALA A 343 -9.49 17.62 -21.75
N PRO A 344 -9.36 18.34 -22.84
CA PRO A 344 -9.73 17.78 -24.14
C PRO A 344 -8.91 16.53 -24.44
N TYR A 345 -9.57 15.52 -24.99
CA TYR A 345 -8.93 14.24 -25.23
C TYR A 345 -8.21 14.25 -26.57
N SER A 346 -6.98 13.75 -26.58
CA SER A 346 -6.23 13.48 -27.79
C SER A 346 -5.23 12.38 -27.49
N TYR A 347 -4.92 11.57 -28.51
CA TYR A 347 -4.00 10.45 -28.30
C TYR A 347 -2.60 10.93 -27.96
N GLU A 348 -2.24 12.14 -28.39
CA GLU A 348 -0.92 12.70 -28.12
C GLU A 348 -0.89 13.59 -26.89
N SER A 349 -2.01 13.70 -26.16
CA SER A 349 -2.06 14.55 -24.98
C SER A 349 -1.16 14.00 -23.88
N ALA A 350 -0.48 14.91 -23.18
CA ALA A 350 0.34 14.54 -22.04
C ALA A 350 -0.47 14.46 -20.75
N ASP A 351 -1.77 14.75 -20.81
CA ASP A 351 -2.65 14.70 -19.63
C ASP A 351 -3.06 13.24 -19.39
N ARG A 352 -2.06 12.43 -19.03
CA ARG A 352 -2.26 11.01 -18.79
C ARG A 352 -1.23 10.55 -17.79
N TYR A 353 -1.54 9.43 -17.13
CA TYR A 353 -0.65 8.83 -16.14
C TYR A 353 -0.42 7.38 -16.50
N ASN A 354 0.85 7.01 -16.72
CA ASN A 354 1.22 5.64 -17.01
C ASN A 354 1.75 4.99 -15.73
N LYS A 355 1.26 3.78 -15.45
CA LYS A 355 1.68 3.08 -14.24
C LYS A 355 3.18 2.81 -14.29
N ASN A 356 3.86 3.10 -13.18
CA ASN A 356 5.32 2.97 -13.10
C ASN A 356 5.75 1.71 -12.39
N HIS A 357 5.16 1.40 -11.24
CA HIS A 357 5.56 0.24 -10.46
C HIS A 357 4.67 -0.93 -10.85
N LEU A 358 5.14 -1.73 -11.80
CA LEU A 358 4.37 -2.86 -12.29
C LEU A 358 4.35 -3.99 -11.27
N VAL A 359 3.25 -4.73 -11.25
CA VAL A 359 3.12 -5.87 -10.33
C VAL A 359 4.02 -7.01 -10.80
N PRO A 360 4.91 -7.53 -9.96
CA PRO A 360 5.77 -8.63 -10.39
C PRO A 360 4.95 -9.86 -10.77
N PHE A 361 5.40 -10.54 -11.83
CA PHE A 361 4.82 -11.76 -12.37
C PHE A 361 3.44 -11.56 -12.96
N GLY A 362 2.87 -10.36 -12.90
CA GLY A 362 1.56 -10.11 -13.44
C GLY A 362 1.58 -9.12 -14.57
N GLU A 363 2.58 -8.23 -14.57
CA GLU A 363 2.74 -7.25 -15.63
C GLU A 363 4.12 -7.29 -16.28
N PHE A 364 5.09 -7.99 -15.68
CA PHE A 364 6.40 -8.13 -16.29
C PHE A 364 7.07 -9.38 -15.72
N VAL A 365 8.05 -9.89 -16.46
CA VAL A 365 8.85 -11.03 -16.01
C VAL A 365 10.04 -10.49 -15.23
N PRO A 366 10.21 -10.86 -13.96
CA PRO A 366 11.28 -10.28 -13.14
C PRO A 366 12.66 -10.59 -13.69
N LEU A 367 13.38 -9.52 -14.06
CA LEU A 367 14.78 -9.56 -14.47
C LEU A 367 14.98 -10.19 -15.85
N GLU A 368 13.92 -10.77 -16.41
CA GLU A 368 13.92 -11.36 -17.74
C GLU A 368 15.19 -12.16 -18.00
N SER A 369 15.42 -13.16 -17.15
CA SER A 369 16.63 -13.96 -17.22
C SER A 369 16.74 -14.68 -18.56
N ILE A 370 15.80 -15.58 -18.83
CA ILE A 370 15.79 -16.33 -20.08
C ILE A 370 14.37 -16.34 -20.66
N LEU A 371 13.40 -15.96 -19.84
CA LEU A 371 11.99 -16.00 -20.20
C LEU A 371 11.59 -17.41 -20.67
N ARG A 372 12.02 -18.41 -19.92
CA ARG A 372 11.75 -19.80 -20.29
C ARG A 372 10.25 -20.09 -20.19
N PRO A 373 9.73 -20.93 -21.09
CA PRO A 373 8.31 -21.30 -21.02
C PRO A 373 7.98 -21.99 -19.70
N LEU A 374 6.79 -21.71 -19.19
CA LEU A 374 6.32 -22.29 -17.94
C LEU A 374 4.82 -22.49 -18.03
N ALA A 375 4.24 -23.02 -16.95
CA ALA A 375 2.79 -23.23 -16.92
C ALA A 375 1.99 -21.93 -17.06
N PRO A 376 2.27 -20.84 -16.33
CA PRO A 376 1.52 -19.61 -16.56
C PRO A 376 1.76 -19.03 -17.95
N PHE A 377 3.03 -18.77 -18.27
CA PHE A 377 3.41 -18.22 -19.58
C PHE A 377 2.62 -16.96 -19.91
N PHE A 378 2.43 -16.11 -18.90
CA PHE A 378 1.63 -14.89 -19.03
C PHE A 378 0.23 -15.20 -19.57
N ASP A 379 -0.44 -16.14 -18.90
CA ASP A 379 -1.76 -16.59 -19.36
C ASP A 379 -2.77 -15.45 -19.32
N LEU A 380 -2.74 -14.65 -18.27
CA LEU A 380 -3.66 -13.53 -18.17
C LEU A 380 -3.36 -12.51 -19.27
N PRO A 381 -4.36 -12.02 -20.00
CA PRO A 381 -4.10 -11.03 -21.04
C PRO A 381 -3.50 -9.76 -20.47
N MET A 382 -2.67 -9.10 -21.29
CA MET A 382 -1.97 -7.87 -20.89
C MET A 382 -1.09 -8.12 -19.67
N SER A 383 -0.06 -8.97 -19.88
CA SER A 383 0.90 -9.31 -18.84
C SER A 383 2.32 -8.89 -19.21
N SER A 384 2.47 -7.97 -20.15
CA SER A 384 3.79 -7.51 -20.62
C SER A 384 3.83 -6.00 -20.70
N PHE A 385 3.38 -5.34 -19.63
CA PHE A 385 3.34 -3.88 -19.62
C PHE A 385 4.75 -3.29 -19.53
N SER A 386 4.84 -2.01 -19.87
CA SER A 386 6.05 -1.23 -19.69
C SER A 386 5.89 -0.33 -18.47
N ARG A 387 6.96 0.40 -18.14
CA ARG A 387 6.99 1.25 -16.96
C ARG A 387 6.94 2.71 -17.37
N GLY A 388 6.05 3.47 -16.73
CA GLY A 388 6.00 4.90 -16.91
C GLY A 388 7.03 5.61 -16.06
N PRO A 389 7.12 6.92 -16.24
CA PRO A 389 8.08 7.71 -15.46
C PRO A 389 7.80 7.63 -13.96
N TYR A 390 8.87 7.70 -13.17
CA TYR A 390 8.72 7.67 -11.72
C TYR A 390 7.97 8.91 -11.24
N ILE A 391 8.26 10.07 -11.80
CA ILE A 391 7.58 11.31 -11.48
C ILE A 391 6.82 11.77 -12.72
N GLN A 392 5.51 11.95 -12.57
CA GLN A 392 4.66 12.37 -13.67
C GLN A 392 3.82 13.56 -13.23
N PRO A 393 3.47 14.45 -14.16
CA PRO A 393 2.66 15.61 -13.78
C PRO A 393 1.29 15.16 -13.30
N PRO A 394 0.68 15.90 -12.39
CA PRO A 394 -0.67 15.56 -11.93
C PRO A 394 -1.67 15.66 -13.06
N LEU A 395 -2.68 14.79 -13.00
CA LEU A 395 -3.76 14.84 -13.98
C LEU A 395 -4.58 16.11 -13.80
N SER A 396 -5.01 16.67 -14.93
CA SER A 396 -5.88 17.84 -14.92
C SER A 396 -7.26 17.44 -15.43
N ALA A 397 -8.29 17.76 -14.66
CA ALA A 397 -9.65 17.38 -15.02
C ALA A 397 -10.59 18.46 -14.51
N ASN A 398 -11.12 19.28 -15.43
CA ASN A 398 -12.05 20.35 -15.09
C ASN A 398 -11.44 21.30 -14.07
N GLY A 399 -10.20 21.70 -14.33
CA GLY A 399 -9.48 22.59 -13.44
C GLY A 399 -9.16 22.00 -12.08
N ILE A 400 -8.86 20.70 -12.04
CA ILE A 400 -8.57 19.99 -10.80
C ILE A 400 -7.28 19.20 -11.00
N GLU A 401 -6.35 19.33 -10.07
CA GLU A 401 -5.08 18.62 -10.11
C GLU A 401 -5.19 17.35 -9.29
N LEU A 402 -4.93 16.20 -9.92
CA LEU A 402 -5.05 14.90 -9.29
C LEU A 402 -3.71 14.19 -9.35
N THR A 403 -3.24 13.70 -8.20
CA THR A 403 -2.03 12.89 -8.14
C THR A 403 -2.45 11.43 -8.28
N ALA A 404 -2.21 10.86 -9.45
CA ALA A 404 -2.68 9.52 -9.78
C ALA A 404 -1.73 8.46 -9.27
N ALA A 405 -2.29 7.28 -8.99
CA ALA A 405 -1.51 6.11 -8.59
C ALA A 405 -2.36 4.88 -8.82
N ILE A 406 -1.93 4.01 -9.73
CA ILE A 406 -2.74 2.86 -10.12
C ILE A 406 -2.53 1.67 -9.20
N TYR A 408 -1.57 -0.89 -6.92
CA TYR A 408 -0.46 -1.18 -6.01
C TYR A 408 0.39 0.04 -5.69
N GLU A 409 0.44 0.99 -6.62
CA GLU A 409 1.28 2.17 -6.43
C GLU A 409 0.85 3.02 -5.25
N ILE A 410 -0.40 2.88 -4.79
CA ILE A 410 -0.86 3.70 -3.69
C ILE A 410 -0.21 3.31 -2.37
N ILE A 411 0.32 2.09 -2.25
CA ILE A 411 0.99 1.70 -1.02
C ILE A 411 2.43 2.16 -0.96
N LEU A 412 2.95 2.71 -2.06
CA LEU A 412 4.32 3.24 -2.10
C LEU A 412 4.26 4.69 -1.66
N GLY A 413 4.38 4.91 -0.35
CA GLY A 413 4.18 6.25 0.18
C GLY A 413 5.20 7.26 -0.33
N GLU A 414 6.44 6.82 -0.53
CA GLU A 414 7.47 7.74 -0.99
C GLU A 414 7.27 8.11 -2.46
N GLN A 415 6.88 7.14 -3.30
CA GLN A 415 6.62 7.44 -4.70
C GLN A 415 5.43 8.38 -4.87
N VAL A 416 4.38 8.17 -4.08
CA VAL A 416 3.21 9.06 -4.14
C VAL A 416 3.60 10.47 -3.71
N ARG A 417 4.42 10.58 -2.65
CA ARG A 417 4.84 11.89 -2.19
C ARG A 417 5.71 12.60 -3.23
N ASP A 418 6.57 11.86 -3.92
CA ASP A 418 7.40 12.47 -4.96
C ASP A 418 6.54 13.00 -6.10
N ASN A 419 5.51 12.26 -6.49
CA ASN A 419 4.57 12.75 -7.50
C ASN A 419 3.66 13.82 -6.94
N PHE A 420 3.49 13.88 -5.62
CA PHE A 420 2.66 14.90 -5.01
C PHE A 420 3.26 16.29 -5.23
N ARG A 421 2.39 17.25 -5.47
CA ARG A 421 2.80 18.64 -5.68
C ARG A 421 1.94 19.55 -4.82
N PRO A 422 2.45 20.74 -4.47
CA PRO A 422 1.68 21.63 -3.58
C PRO A 422 0.33 22.03 -4.15
N ASP A 423 0.18 22.05 -5.48
CA ASP A 423 -1.08 22.45 -6.10
C ASP A 423 -2.01 21.27 -6.34
N THR A 424 -1.67 20.09 -5.85
CA THR A 424 -2.54 18.93 -5.98
C THR A 424 -3.80 19.13 -5.14
N ASP A 425 -4.96 18.95 -5.77
CA ASP A 425 -6.23 19.09 -5.07
C ASP A 425 -6.64 17.79 -4.37
N TYR A 426 -6.68 16.69 -5.12
CA TYR A 426 -7.02 15.39 -4.57
C TYR A 426 -5.94 14.38 -4.92
N LEU A 427 -5.83 13.34 -4.10
CA LEU A 427 -5.08 12.16 -4.44
C LEU A 427 -6.01 11.17 -5.12
N LEU A 428 -5.60 10.64 -6.26
CA LEU A 428 -6.43 9.77 -7.07
C LEU A 428 -5.78 8.40 -7.18
N THR A 429 -6.57 7.35 -6.97
CA THR A 429 -6.10 5.99 -7.19
C THR A 429 -7.24 5.18 -7.80
N ILE A 430 -6.93 4.44 -8.86
CA ILE A 430 -7.87 3.52 -9.48
C ILE A 430 -7.25 2.13 -9.43
N SER A 431 -8.05 1.14 -9.03
CA SER A 431 -7.54 -0.20 -8.80
C SER A 431 -8.55 -1.22 -9.30
N ASN A 432 -8.07 -2.46 -9.43
CA ASN A 432 -8.92 -3.62 -9.74
C ASN A 432 -8.56 -4.67 -8.69
N ASP A 433 -9.23 -4.62 -7.55
CA ASP A 433 -8.93 -5.50 -6.43
C ASP A 433 -9.55 -6.88 -6.56
N ALA A 434 -10.01 -7.26 -7.76
CA ALA A 434 -10.49 -8.62 -7.96
C ALA A 434 -9.38 -9.63 -7.80
N TRP A 435 -8.13 -9.22 -8.04
CA TRP A 435 -7.00 -10.11 -7.83
C TRP A 435 -6.69 -10.30 -6.35
N PHE A 436 -6.94 -9.28 -5.53
CA PHE A 436 -6.80 -9.44 -4.09
C PHE A 436 -7.79 -10.45 -3.52
N GLY A 437 -8.89 -10.70 -4.21
CA GLY A 437 -9.85 -11.70 -3.80
C GLY A 437 -11.09 -11.11 -3.16
N LYS A 438 -11.73 -11.93 -2.33
CA LYS A 438 -12.93 -11.53 -1.61
C LYS A 438 -12.70 -11.75 -0.12
N SER A 439 -11.59 -11.25 0.38
CA SER A 439 -11.10 -11.56 1.72
C SER A 439 -10.38 -10.33 2.26
N ILE A 440 -9.53 -10.53 3.26
CA ILE A 440 -8.77 -9.44 3.87
C ILE A 440 -7.88 -8.70 2.88
N GLY A 441 -7.72 -9.22 1.66
CA GLY A 441 -6.83 -8.64 0.68
C GLY A 441 -7.16 -7.22 0.31
N PRO A 442 -8.35 -6.98 -0.24
CA PRO A 442 -8.72 -5.60 -0.61
C PRO A 442 -8.73 -4.64 0.56
N TRP A 443 -9.05 -5.10 1.77
CA TRP A 443 -9.09 -4.20 2.91
C TRP A 443 -7.70 -3.74 3.32
N GLN A 444 -6.72 -4.65 3.32
CA GLN A 444 -5.36 -4.27 3.64
C GLN A 444 -4.83 -3.25 2.63
N HIS A 445 -5.14 -3.45 1.35
CA HIS A 445 -4.79 -2.47 0.33
C HIS A 445 -5.51 -1.15 0.58
N PHE A 446 -6.78 -1.20 0.98
CA PHE A 446 -7.55 0.01 1.24
C PHE A 446 -6.98 0.79 2.42
N GLN A 447 -6.54 0.09 3.47
CA GLN A 447 -5.98 0.77 4.64
C GLN A 447 -4.71 1.52 4.29
N MET A 448 -3.85 0.93 3.46
CA MET A 448 -2.64 1.61 3.03
C MET A 448 -2.95 2.81 2.16
N ALA A 449 -4.04 2.76 1.39
CA ALA A 449 -4.46 3.92 0.61
C ALA A 449 -4.87 5.07 1.51
N ARG A 450 -5.56 4.77 2.62
CA ARG A 450 -6.00 5.81 3.54
C ARG A 450 -4.81 6.55 4.16
N MET A 451 -3.68 5.88 4.30
CA MET A 451 -2.50 6.52 4.89
C MET A 451 -1.99 7.64 3.99
N ARG A 452 -2.07 7.48 2.67
CA ARG A 452 -1.60 8.51 1.77
C ARG A 452 -2.36 9.81 1.97
N ALA A 453 -3.68 9.72 2.18
CA ALA A 453 -4.46 10.91 2.47
C ALA A 453 -4.02 11.56 3.77
N LEU A 454 -3.75 10.75 4.81
CA LEU A 454 -3.31 11.30 6.08
C LEU A 454 -1.93 11.94 5.97
N GLU A 455 -1.00 11.28 5.28
CA GLU A 455 0.37 11.81 5.18
C GLU A 455 0.40 13.11 4.40
N LEU A 456 -0.35 13.20 3.29
CA LEU A 456 -0.29 14.33 2.40
C LEU A 456 -1.39 15.36 2.65
N ALA A 457 -2.32 15.07 3.56
CA ALA A 457 -3.42 15.98 3.90
C ALA A 457 -4.24 16.37 2.67
N ARG A 458 -4.46 15.39 1.79
CA ARG A 458 -5.31 15.60 0.63
C ARG A 458 -6.42 14.56 0.60
N PRO A 459 -7.62 14.92 0.17
CA PRO A 459 -8.66 13.91 -0.02
C PRO A 459 -8.24 12.88 -1.05
N LEU A 460 -8.57 11.63 -0.78
CA LEU A 460 -8.24 10.52 -1.67
C LEU A 460 -9.50 10.05 -2.38
N LEU A 461 -9.44 9.99 -3.71
CA LEU A 461 -10.53 9.48 -4.52
C LEU A 461 -10.12 8.10 -5.03
N ARG A 462 -10.67 7.07 -4.42
CA ARG A 462 -10.33 5.68 -4.75
C ARG A 462 -11.51 5.05 -5.49
N SER A 463 -11.28 4.66 -6.74
CA SER A 463 -12.28 4.00 -7.56
C SER A 463 -11.77 2.61 -7.94
N THR A 464 -12.59 1.59 -7.70
CA THR A 464 -12.21 0.21 -7.96
C THR A 464 -13.29 -0.48 -8.79
N ASN A 465 -12.88 -1.54 -9.49
CA ASN A 465 -13.82 -2.29 -10.31
C ASN A 465 -14.90 -2.94 -9.45
N ASN A 466 -14.50 -3.68 -8.43
CA ASN A 466 -15.44 -4.23 -7.46
C ASN A 466 -14.93 -4.11 -6.03
N GLY A 467 -13.74 -3.57 -5.82
CA GLY A 467 -13.16 -3.50 -4.49
C GLY A 467 -13.78 -2.42 -3.64
N ILE A 468 -12.97 -1.76 -2.83
CA ILE A 468 -13.46 -0.77 -1.87
C ILE A 468 -13.33 0.60 -2.54
N THR A 469 -14.41 1.02 -3.18
CA THR A 469 -14.49 2.37 -3.74
C THR A 469 -14.91 3.33 -2.62
N ALA A 470 -14.09 4.34 -2.36
CA ALA A 470 -14.35 5.22 -1.23
C ALA A 470 -13.71 6.57 -1.47
N VAL A 471 -14.16 7.56 -0.71
CA VAL A 471 -13.55 8.87 -0.63
C VAL A 471 -12.95 9.03 0.75
N ILE A 472 -11.65 9.25 0.81
CA ILE A 472 -10.92 9.36 2.07
C ILE A 472 -10.66 10.83 2.34
N GLY A 473 -10.91 11.27 3.57
CA GLY A 473 -10.69 12.64 3.95
C GLY A 473 -9.23 12.97 4.11
N PRO A 474 -8.92 14.26 4.25
CA PRO A 474 -7.51 14.66 4.41
C PRO A 474 -6.85 14.14 5.68
N GLN A 475 -7.62 13.69 6.66
CA GLN A 475 -7.07 13.11 7.88
C GLN A 475 -7.18 11.58 7.89
N GLY A 476 -7.50 10.97 6.76
CA GLY A 476 -7.57 9.52 6.66
C GLY A 476 -8.92 8.91 6.96
N GLU A 477 -9.90 9.69 7.37
CA GLU A 477 -11.22 9.15 7.66
C GLU A 477 -11.95 8.78 6.36
N ILE A 478 -12.87 7.84 6.48
CA ILE A 478 -13.65 7.37 5.34
C ILE A 478 -14.85 8.30 5.20
N GLN A 479 -14.72 9.30 4.34
CA GLN A 479 -15.81 10.26 4.15
C GLN A 479 -17.02 9.60 3.50
N ALA A 480 -16.81 8.76 2.50
CA ALA A 480 -17.89 8.05 1.84
C ALA A 480 -17.35 6.71 1.34
N MET A 481 -18.26 5.74 1.23
CA MET A 481 -17.88 4.40 0.81
C MET A 481 -19.12 3.66 0.33
N ILE A 482 -18.92 2.71 -0.56
CA ILE A 482 -20.01 1.87 -1.08
C ILE A 482 -19.63 0.40 -0.90
N PRO A 483 -20.60 -0.51 -0.79
CA PRO A 483 -20.26 -1.92 -0.61
C PRO A 483 -19.54 -2.50 -1.81
N GLN A 484 -18.73 -3.52 -1.54
CA GLN A 484 -17.99 -4.20 -2.59
C GLN A 484 -18.91 -5.13 -3.38
N PHE A 485 -18.37 -5.64 -4.49
CA PHE A 485 -18.98 -6.71 -5.27
C PHE A 485 -20.35 -6.34 -5.82
N THR A 486 -20.63 -5.05 -5.99
CA THR A 486 -21.91 -4.62 -6.53
C THR A 486 -21.67 -3.53 -7.57
N ARG A 487 -22.60 -3.42 -8.51
CA ARG A 487 -22.54 -2.40 -9.56
C ARG A 487 -23.24 -1.16 -9.03
N GLU A 488 -22.46 -0.18 -8.58
CA GLU A 488 -23.00 0.99 -7.93
C GLU A 488 -22.11 2.19 -8.25
N VAL A 489 -22.67 3.38 -8.06
CA VAL A 489 -21.96 4.63 -8.29
C VAL A 489 -21.85 5.38 -6.97
N LEU A 490 -20.64 5.78 -6.62
CA LEU A 490 -20.40 6.56 -5.40
C LEU A 490 -20.40 8.03 -5.81
N THR A 491 -21.50 8.73 -5.50
CA THR A 491 -21.63 10.15 -5.78
C THR A 491 -21.63 10.90 -4.46
N THR A 492 -20.73 11.86 -4.32
CA THR A 492 -20.61 12.61 -3.08
C THR A 492 -19.93 13.94 -3.38
N ASN A 493 -20.05 14.86 -2.42
CA ASN A 493 -19.40 16.16 -2.50
C ASN A 493 -18.09 16.10 -1.71
N VAL A 494 -16.98 16.41 -2.40
CA VAL A 494 -15.66 16.37 -1.78
C VAL A 494 -15.03 17.75 -1.90
N THR A 495 -14.34 18.17 -0.85
CA THR A 495 -13.75 19.51 -0.77
C THR A 495 -12.24 19.41 -0.84
N PRO A 496 -11.60 20.10 -1.78
CA PRO A 496 -10.13 20.06 -1.84
C PRO A 496 -9.50 20.74 -0.64
N THR A 497 -8.28 20.33 -0.33
CA THR A 497 -7.51 20.92 0.75
C THR A 497 -6.19 21.43 0.21
N THR A 498 -5.65 22.46 0.88
CA THR A 498 -4.38 23.05 0.52
C THR A 498 -3.47 23.09 1.74
N GLY A 499 -2.17 23.10 1.48
CA GLY A 499 -1.20 23.11 2.56
C GLY A 499 -0.32 21.88 2.55
N LEU A 500 0.93 22.04 2.96
CA LEU A 500 1.91 20.97 2.94
C LEU A 500 2.14 20.45 4.34
N THR A 501 2.03 19.13 4.50
CA THR A 501 2.44 18.49 5.74
C THR A 501 3.97 18.49 5.83
N PRO A 502 4.52 18.35 7.03
CA PRO A 502 5.97 18.19 7.13
C PRO A 502 6.50 16.99 6.36
N TYR A 503 5.71 15.91 6.27
CA TYR A 503 6.11 14.78 5.45
C TYR A 503 6.16 15.14 3.98
N ALA A 504 5.19 15.92 3.52
CA ALA A 504 5.17 16.33 2.11
C ALA A 504 6.39 17.19 1.77
N ARG A 505 6.79 18.06 2.69
CA ARG A 505 7.96 18.91 2.45
C ARG A 505 9.24 18.10 2.44
N THR A 506 9.43 17.24 3.45
CA THR A 506 10.70 16.56 3.63
C THR A 506 10.70 15.16 3.00
N GLY A 507 9.79 14.29 3.44
CA GLY A 507 9.79 12.92 2.98
C GLY A 507 10.28 11.97 4.05
N ASN A 508 11.05 10.96 3.65
CA ASN A 508 11.58 9.97 4.58
C ASN A 508 12.99 10.30 5.07
N TRP A 509 13.64 11.33 4.53
CA TRP A 509 14.99 11.64 4.98
C TRP A 509 15.08 12.01 6.46
N PRO A 510 14.16 12.78 7.05
CA PRO A 510 14.27 13.02 8.50
C PRO A 510 14.20 11.75 9.32
N LEU A 511 13.47 10.74 8.86
CA LEU A 511 13.47 9.45 9.55
C LEU A 511 14.74 8.67 9.29
N TRP A 512 15.30 8.77 8.08
CA TRP A 512 16.57 8.09 7.81
C TRP A 512 17.73 8.73 8.55
N VAL A 513 17.65 10.03 8.81
CA VAL A 513 18.62 10.67 9.71
C VAL A 513 18.46 10.12 11.11
N LEU A 514 17.22 9.98 11.59
CA LEU A 514 16.98 9.37 12.89
C LEU A 514 17.43 7.93 12.92
N THR A 515 17.15 7.18 11.85
CA THR A 515 17.60 5.79 11.78
C THR A 515 19.13 5.71 11.77
N ALA A 516 19.78 6.61 11.02
CA ALA A 516 21.25 6.63 11.03
C ALA A 516 21.79 7.01 12.40
N LEU A 517 21.18 8.02 13.04
CA LEU A 517 21.64 8.41 14.37
C LEU A 517 21.43 7.30 15.39
N PHE A 518 20.27 6.64 15.34
CA PHE A 518 20.05 5.50 16.24
C PHE A 518 20.91 4.31 15.85
N GLY A 519 21.08 4.07 14.55
CA GLY A 519 21.94 2.99 14.11
C GLY A 519 23.39 3.22 14.45
N PHE A 520 23.89 4.44 14.23
CA PHE A 520 25.28 4.74 14.53
C PHE A 520 25.54 4.69 16.02
N ALA A 521 24.62 5.21 16.83
CA ALA A 521 24.79 5.14 18.29
C ALA A 521 24.75 3.70 18.79
N ALA A 522 23.82 2.89 18.27
CA ALA A 522 23.71 1.51 18.71
C ALA A 522 24.91 0.68 18.27
N VAL A 523 25.39 0.88 17.04
CA VAL A 523 26.53 0.13 16.55
C VAL A 523 27.79 0.50 17.33
N LEU A 524 27.94 1.78 17.69
CA LEU A 524 29.09 2.20 18.49
C LEU A 524 29.10 1.49 19.83
N MET A 525 27.95 1.40 20.49
CA MET A 525 27.88 0.69 21.76
C MET A 525 28.11 -0.81 21.58
N SER A 526 27.66 -1.37 20.45
CA SER A 526 27.93 -2.78 20.17
C SER A 526 29.43 -3.02 20.01
N LEU A 527 30.12 -2.13 19.29
CA LEU A 527 31.57 -2.26 19.15
C LEU A 527 32.28 -2.00 20.47
N ARG A 528 31.78 -1.06 21.26
CA ARG A 528 32.39 -0.78 22.57
C ARG A 528 32.29 -2.00 23.49
N GLN A 529 31.15 -2.66 23.50
CA GLN A 529 30.93 -3.83 24.36
C GLN A 529 31.36 -5.11 23.67
N ARG A 530 32.59 -5.14 23.19
CA ARG A 530 33.16 -6.30 22.50
C ARG A 530 32.30 -6.72 21.31
#